data_9DA9
#
_entry.id   9DA9
#
_cell.length_a   54.244
_cell.length_b   87.338
_cell.length_c   135.896
_cell.angle_alpha   90.000
_cell.angle_beta   90.000
_cell.angle_gamma   90.000
#
_symmetry.space_group_name_H-M   'P 21 21 21'
#
loop_
_entity.id
_entity.type
_entity.pdbx_description
1 polymer 'Glutamate receptor ionotropic, NMDA 1'
2 polymer 'Glutamate receptor ionotropic, NMDA 2A'
3 non-polymer '7-Chlorokynurenic acid'
4 non-polymer 'GLUTAMIC ACID'
5 water water
#
loop_
_entity_poly.entity_id
_entity_poly.type
_entity_poly.pdbx_seq_one_letter_code
_entity_poly.pdbx_strand_id
1 'polypeptide(L)'
;GMSTRLKIVTIHQEPFVYVKPTMSDGTCKEEFTVNGDPVKKVICTGPNDTSPGSPRHTVPQCCYGFCIDLLIKLARTMNF
TYEVHLVADGKFGTQERVNNSNKKEWNGMMGELLSGQADMIVAPLTINNERAQYIEFSKPFKYQGLTILVKKGTRITGIN
DPRLRNPSDKFIYATVKQSSVDIYFRRQVELSTMYRHMEKHNYESAAEAIQAVRDNKLHAFIWDSAVLEFEASQKCDLVT
TGELFFRSGFGIGMRKDSPWKQNVSLSILKSHENGFMEDLDKTWVRYQECDS
;
A
2 'polypeptide(L)'
;SDDNHLSIVTLEEAPFVIVEDIDPLTETCVRNTVPCRKFVKINNSTNEGMNVKKCCKGFCIDILKKLSRTVKFTYDLYLV
TNGKHGKKVNNVWNGMIGEVVYQRAVMAVGSLTINEERSEVVDFSVPFVETGISVMVSRGTQVTGLSDKKFQRPHDYSPP
FRFGTVPNGSTERNIRNNYPYMHQYMTRFNQRGVEDALVSLKTGKLDAFIYDAAVLNYKAGRDEGCKLVTIGSGYIFATT
GYGIALQKGSPWKRQIDLALLQFVGDGEMEELETLWLTGICHN
;
B
#
# COMPACT_ATOMS: atom_id res chain seq x y z
N THR A 4 24.92 19.37 5.60
CA THR A 4 23.78 20.22 5.94
C THR A 4 22.74 20.38 4.81
N ARG A 5 23.22 20.66 3.59
CA ARG A 5 22.49 20.37 2.38
C ARG A 5 22.37 18.85 2.25
N LEU A 6 21.15 18.29 2.35
CA LEU A 6 21.01 16.84 2.16
C LEU A 6 21.38 16.47 0.73
N LYS A 7 22.17 15.42 0.57
CA LYS A 7 22.46 14.86 -0.75
C LYS A 7 21.38 13.83 -1.10
N ILE A 8 20.56 14.15 -2.08
CA ILE A 8 19.49 13.28 -2.56
C ILE A 8 20.00 12.57 -3.78
N VAL A 9 19.86 11.24 -3.81
CA VAL A 9 20.14 10.49 -5.02
C VAL A 9 18.84 9.99 -5.64
N THR A 10 18.78 10.02 -6.97
CA THR A 10 17.61 9.52 -7.67
C THR A 10 18.04 8.85 -8.98
N ILE A 11 17.06 8.50 -9.80
CA ILE A 11 17.33 7.70 -11.00
C ILE A 11 16.30 8.09 -12.03
N HIS A 12 16.67 7.97 -13.29
CA HIS A 12 15.71 8.25 -14.35
C HIS A 12 14.72 7.08 -14.41
N GLN A 13 13.44 7.34 -14.11
CA GLN A 13 12.42 6.29 -14.19
C GLN A 13 11.06 6.98 -14.34
N GLU A 14 10.59 7.12 -15.57
CA GLU A 14 9.31 7.77 -15.78
C GLU A 14 8.15 6.87 -15.30
N PRO A 15 7.08 7.49 -14.76
CA PRO A 15 6.84 8.95 -14.66
C PRO A 15 7.24 9.54 -13.31
N PHE A 16 8.09 8.86 -12.56
CA PHE A 16 8.43 9.36 -11.25
C PHE A 16 9.54 10.40 -11.32
N VAL A 17 10.49 10.18 -12.20
CA VAL A 17 11.62 11.08 -12.39
C VAL A 17 11.89 11.09 -13.88
N TYR A 18 11.60 12.22 -14.52
CA TYR A 18 12.06 12.51 -15.87
C TYR A 18 13.43 13.19 -15.78
N VAL A 19 14.25 13.00 -16.79
CA VAL A 19 15.55 13.68 -16.84
C VAL A 19 15.73 14.20 -18.26
N LYS A 20 15.91 15.51 -18.41
CA LYS A 20 16.04 16.20 -19.68
C LYS A 20 17.23 17.14 -19.64
N PRO A 21 17.75 17.51 -20.81
CA PRO A 21 18.86 18.47 -20.85
C PRO A 21 18.41 19.88 -20.47
N THR A 22 19.34 20.65 -19.94
CA THR A 22 19.08 22.07 -19.77
C THR A 22 19.03 22.77 -21.12
N MET A 23 18.39 23.93 -21.12
CA MET A 23 18.39 24.87 -22.21
C MET A 23 19.80 25.41 -22.46
N SER A 24 19.95 26.14 -23.56
CA SER A 24 21.29 26.59 -23.94
C SER A 24 21.88 27.59 -22.95
N ASP A 25 21.06 28.28 -22.14
CA ASP A 25 21.58 29.11 -21.05
C ASP A 25 21.74 28.34 -19.72
N GLY A 26 21.54 27.02 -19.73
CA GLY A 26 21.70 26.26 -18.51
C GLY A 26 20.50 26.23 -17.57
N THR A 27 19.40 26.90 -17.92
CA THR A 27 18.16 26.82 -17.16
C THR A 27 17.25 25.72 -17.68
N CYS A 28 16.23 25.39 -16.89
N CYS A 28 16.26 25.37 -16.84
CA CYS A 28 15.29 24.34 -17.28
CA CYS A 28 15.22 24.42 -17.18
C CYS A 28 14.04 24.97 -17.89
C CYS A 28 14.12 25.10 -18.00
N LYS A 29 13.59 24.40 -19.01
CA LYS A 29 12.53 25.00 -19.81
C LYS A 29 11.22 25.03 -19.04
N GLU A 30 10.53 26.17 -19.15
CA GLU A 30 9.21 26.38 -18.56
C GLU A 30 8.18 25.47 -19.24
N GLU A 31 7.53 24.63 -18.45
CA GLU A 31 6.52 23.72 -18.97
C GLU A 31 5.35 23.67 -18.00
N PHE A 32 4.23 23.10 -18.45
CA PHE A 32 2.99 23.11 -17.67
C PHE A 32 2.37 21.73 -17.60
N THR A 33 1.74 21.45 -16.46
CA THR A 33 1.02 20.20 -16.34
C THR A 33 -0.36 20.37 -16.95
N VAL A 34 -1.01 19.23 -17.21
CA VAL A 34 -2.38 19.20 -17.74
C VAL A 34 -3.23 20.22 -16.98
N ASN A 35 -3.20 20.11 -15.65
CA ASN A 35 -3.99 20.95 -14.76
C ASN A 35 -3.71 22.43 -14.93
N GLY A 36 -2.67 22.81 -15.65
CA GLY A 36 -2.33 24.19 -15.81
C GLY A 36 -1.19 24.67 -14.94
N ASP A 37 -0.86 23.96 -13.86
CA ASP A 37 0.19 24.42 -12.97
C ASP A 37 1.57 24.27 -13.62
N PRO A 38 2.50 25.17 -13.30
CA PRO A 38 3.86 25.02 -13.85
C PRO A 38 4.49 23.74 -13.32
N VAL A 39 5.26 23.08 -14.18
CA VAL A 39 6.04 21.91 -13.79
C VAL A 39 7.24 22.40 -12.98
N LYS A 40 7.36 21.92 -11.77
CA LYS A 40 8.50 22.27 -10.92
C LYS A 40 9.69 21.39 -11.26
N LYS A 41 10.79 22.01 -11.65
CA LYS A 41 11.99 21.34 -12.12
C LYS A 41 13.10 21.68 -11.16
N VAL A 42 13.98 20.71 -10.89
CA VAL A 42 15.17 20.98 -10.10
C VAL A 42 16.37 20.60 -10.94
N ILE A 43 17.52 21.20 -10.64
CA ILE A 43 18.74 20.83 -11.37
C ILE A 43 19.33 19.64 -10.67
N CYS A 44 19.65 18.60 -11.44
N CYS A 44 19.52 18.58 -11.42
CA CYS A 44 20.18 17.36 -10.92
CA CYS A 44 20.24 17.43 -10.95
C CYS A 44 21.37 16.99 -11.78
C CYS A 44 21.54 17.39 -11.74
N THR A 45 22.54 16.81 -11.15
CA THR A 45 23.73 16.44 -11.88
C THR A 45 23.87 14.93 -11.96
N GLY A 46 24.50 14.49 -13.02
CA GLY A 46 24.77 13.09 -13.19
C GLY A 46 25.22 12.82 -14.60
N PRO A 47 25.55 11.55 -14.87
CA PRO A 47 25.95 11.15 -16.21
C PRO A 47 24.81 11.26 -17.20
N ASN A 48 25.16 11.23 -18.49
CA ASN A 48 24.20 11.03 -19.58
C ASN A 48 24.24 9.63 -20.16
N GLY A 53 31.12 0.85 -21.20
CA GLY A 53 32.37 1.19 -20.50
C GLY A 53 32.83 2.62 -20.75
N SER A 54 31.88 3.53 -20.70
CA SER A 54 32.14 4.89 -21.12
C SER A 54 32.52 5.77 -19.93
N PRO A 55 33.10 6.93 -20.18
CA PRO A 55 33.32 7.89 -19.08
C PRO A 55 32.01 8.55 -18.68
N ARG A 56 31.84 8.74 -17.36
CA ARG A 56 30.62 9.33 -16.80
C ARG A 56 30.82 10.82 -16.50
N HIS A 57 30.83 11.63 -17.55
CA HIS A 57 30.90 13.09 -17.37
C HIS A 57 29.61 13.54 -16.70
N THR A 58 29.74 14.06 -15.50
CA THR A 58 28.59 14.53 -14.73
C THR A 58 28.28 15.96 -15.19
N VAL A 59 27.06 16.16 -15.65
CA VAL A 59 26.65 17.46 -16.21
C VAL A 59 25.29 17.81 -15.67
N PRO A 60 25.00 19.10 -15.51
CA PRO A 60 23.72 19.47 -14.91
C PRO A 60 22.58 19.22 -15.89
N GLN A 61 21.54 18.59 -15.39
CA GLN A 61 20.37 18.21 -16.15
C GLN A 61 19.16 18.69 -15.37
N CYS A 62 18.01 18.60 -15.99
N CYS A 62 17.99 18.57 -15.96
CA CYS A 62 16.72 18.93 -15.39
CA CYS A 62 16.75 19.10 -15.42
C CYS A 62 16.04 17.64 -14.93
C CYS A 62 15.77 17.96 -15.20
N CYS A 63 15.44 17.68 -13.76
N CYS A 63 15.44 17.68 -13.95
CA CYS A 63 14.68 16.55 -13.23
CA CYS A 63 14.61 16.53 -13.61
C CYS A 63 13.32 17.04 -12.81
C CYS A 63 13.38 16.96 -12.84
N TYR A 64 12.29 16.25 -13.11
CA TYR A 64 10.96 16.53 -12.58
C TYR A 64 10.17 15.22 -12.58
N GLY A 65 8.99 15.29 -11.95
CA GLY A 65 7.99 14.24 -11.91
C GLY A 65 7.51 14.03 -10.53
N PHE A 66 6.81 12.91 -10.38
CA PHE A 66 6.13 12.59 -9.13
C PHE A 66 7.08 12.70 -7.95
N CYS A 67 8.25 12.05 -8.06
CA CYS A 67 9.19 12.00 -6.94
C CYS A 67 9.83 13.35 -6.67
N ILE A 68 10.09 14.11 -7.72
CA ILE A 68 10.60 15.46 -7.50
C ILE A 68 9.55 16.32 -6.80
N ASP A 69 8.29 16.27 -7.25
CA ASP A 69 7.25 17.01 -6.54
C ASP A 69 7.22 16.64 -5.06
N LEU A 70 7.35 15.36 -4.78
CA LEU A 70 7.34 14.92 -3.40
C LEU A 70 8.52 15.52 -2.65
N LEU A 71 9.70 15.50 -3.26
CA LEU A 71 10.87 16.04 -2.58
C LEU A 71 10.67 17.52 -2.26
N ILE A 72 10.09 18.27 -3.21
CA ILE A 72 9.94 19.70 -2.98
C ILE A 72 9.03 19.95 -1.79
N LYS A 73 7.95 19.19 -1.69
CA LYS A 73 7.04 19.23 -0.55
C LYS A 73 7.72 18.81 0.76
N LEU A 74 8.46 17.69 0.76
CA LEU A 74 9.13 17.32 2.00
C LEU A 74 10.15 18.38 2.43
N ALA A 75 10.86 18.96 1.48
CA ALA A 75 11.87 19.93 1.84
C ALA A 75 11.25 21.17 2.48
N ARG A 76 10.12 21.65 1.94
CA ARG A 76 9.48 22.82 2.50
C ARG A 76 8.87 22.48 3.85
N THR A 77 8.23 21.32 3.92
CA THR A 77 7.55 20.82 5.11
C THR A 77 8.49 20.58 6.28
N MET A 78 9.62 19.95 6.01
CA MET A 78 10.55 19.62 7.09
C MET A 78 11.71 20.58 7.20
N ASN A 79 11.71 21.64 6.40
CA ASN A 79 12.71 22.70 6.42
C ASN A 79 14.13 22.16 6.21
N PHE A 80 14.37 21.57 5.05
CA PHE A 80 15.74 21.24 4.70
C PHE A 80 16.02 21.68 3.29
N THR A 81 17.31 21.91 3.03
CA THR A 81 17.80 22.14 1.69
C THR A 81 18.45 20.87 1.16
N TYR A 82 18.65 20.82 -0.16
CA TYR A 82 18.99 19.58 -0.82
C TYR A 82 19.72 19.91 -2.10
N GLU A 83 20.49 18.95 -2.57
CA GLU A 83 21.03 18.90 -3.92
C GLU A 83 20.76 17.49 -4.43
N VAL A 84 20.40 17.38 -5.70
CA VAL A 84 19.99 16.11 -6.29
C VAL A 84 21.04 15.66 -7.29
N HIS A 85 21.44 14.40 -7.21
CA HIS A 85 22.21 13.82 -8.31
C HIS A 85 21.62 12.49 -8.71
N LEU A 86 21.93 12.11 -9.96
CA LEU A 86 21.52 10.84 -10.52
C LEU A 86 22.52 9.77 -10.13
N VAL A 87 22.02 8.59 -9.79
CA VAL A 87 22.93 7.51 -9.39
C VAL A 87 23.97 7.29 -10.48
N ALA A 88 25.24 7.19 -10.09
CA ALA A 88 26.32 7.20 -11.08
C ALA A 88 26.28 5.95 -11.98
N ASP A 89 26.04 4.78 -11.42
CA ASP A 89 25.97 3.55 -12.21
C ASP A 89 24.59 3.23 -12.79
N GLY A 90 23.57 4.08 -12.55
CA GLY A 90 22.27 3.90 -13.19
C GLY A 90 21.39 2.78 -12.65
N LYS A 91 21.67 2.23 -11.46
CA LYS A 91 20.93 1.11 -10.93
C LYS A 91 20.19 1.47 -9.65
N PHE A 92 19.09 0.73 -9.38
CA PHE A 92 18.36 0.93 -8.14
C PHE A 92 19.14 0.37 -6.96
N GLY A 93 19.70 -0.83 -7.11
CA GLY A 93 20.41 -1.42 -6.01
C GLY A 93 20.13 -2.88 -5.76
N THR A 94 21.13 -3.70 -6.07
CA THR A 94 21.14 -5.10 -5.68
C THR A 94 22.48 -5.43 -5.01
N GLN A 95 22.52 -6.53 -4.30
CA GLN A 95 23.74 -7.02 -3.71
C GLN A 95 24.48 -7.84 -4.73
N GLU A 96 25.76 -7.61 -4.88
CA GLU A 96 26.56 -8.37 -5.83
C GLU A 96 27.85 -8.78 -5.14
N ARG A 97 28.38 -9.94 -5.54
CA ARG A 97 29.56 -10.48 -4.91
C ARG A 97 30.77 -9.70 -5.39
N VAL A 98 31.61 -9.27 -4.45
CA VAL A 98 32.90 -8.74 -4.86
C VAL A 98 33.72 -9.88 -5.46
N ASN A 99 34.68 -9.52 -6.29
CA ASN A 99 35.56 -10.52 -6.86
C ASN A 99 36.29 -11.25 -5.73
N ASN A 100 36.41 -12.57 -5.88
CA ASN A 100 37.02 -13.53 -4.95
C ASN A 100 36.00 -14.06 -3.94
N SER A 101 34.72 -13.68 -4.03
CA SER A 101 33.70 -14.18 -3.10
C SER A 101 34.03 -13.81 -1.65
N ASN A 102 34.45 -12.56 -1.44
CA ASN A 102 34.72 -12.07 -0.08
C ASN A 102 33.43 -11.78 0.66
N LYS A 103 32.73 -10.72 0.24
CA LYS A 103 31.47 -10.31 0.82
C LYS A 103 30.51 -9.98 -0.32
N LYS A 104 29.37 -9.41 0.02
CA LYS A 104 28.44 -8.83 -0.95
C LYS A 104 28.44 -7.31 -0.76
N GLU A 105 28.36 -6.59 -1.86
CA GLU A 105 28.30 -5.14 -1.80
C GLU A 105 27.08 -4.65 -2.55
N TRP A 106 26.41 -3.65 -1.99
CA TRP A 106 25.31 -3.05 -2.71
C TRP A 106 25.85 -2.13 -3.80
N ASN A 107 25.24 -2.22 -4.98
CA ASN A 107 25.47 -1.23 -6.03
C ASN A 107 24.28 -0.24 -6.05
N GLY A 108 24.31 0.64 -7.03
CA GLY A 108 23.23 1.58 -7.33
C GLY A 108 22.96 2.55 -6.20
N MET A 109 21.70 2.99 -6.13
CA MET A 109 21.28 3.98 -5.16
C MET A 109 21.50 3.46 -3.78
N MET A 110 21.32 2.14 -3.61
CA MET A 110 21.53 1.54 -2.32
C MET A 110 22.99 1.68 -1.90
N GLY A 111 23.93 1.39 -2.80
CA GLY A 111 25.34 1.58 -2.48
C GLY A 111 25.71 3.03 -2.18
N GLU A 112 25.14 3.96 -2.92
CA GLU A 112 25.43 5.37 -2.63
C GLU A 112 24.89 5.78 -1.27
N LEU A 113 23.69 5.32 -0.92
CA LEU A 113 23.14 5.68 0.39
C LEU A 113 23.99 5.09 1.51
N LEU A 114 24.41 3.85 1.35
CA LEU A 114 25.15 3.22 2.44
C LEU A 114 26.56 3.79 2.58
N SER A 115 27.19 4.22 1.48
CA SER A 115 28.53 4.81 1.55
C SER A 115 28.55 6.31 1.83
N GLY A 116 27.40 6.92 2.10
CA GLY A 116 27.36 8.34 2.38
C GLY A 116 27.46 9.27 1.19
N GLN A 117 27.58 8.75 -0.03
CA GLN A 117 27.46 9.64 -1.18
C GLN A 117 26.06 10.24 -1.30
N ALA A 118 25.09 9.69 -0.59
CA ALA A 118 23.77 10.30 -0.52
C ALA A 118 23.28 10.22 0.91
N ASP A 119 22.37 11.12 1.25
CA ASP A 119 21.68 11.06 2.53
C ASP A 119 20.26 10.51 2.44
N MET A 120 19.70 10.45 1.24
N MET A 120 19.69 10.49 1.24
CA MET A 120 18.32 10.05 1.06
CA MET A 120 18.32 10.05 1.06
C MET A 120 18.14 9.59 -0.37
C MET A 120 18.16 9.57 -0.38
N ILE A 121 17.42 8.48 -0.56
CA ILE A 121 17.01 8.03 -1.88
C ILE A 121 15.58 8.49 -2.09
N VAL A 122 15.35 9.28 -3.12
CA VAL A 122 14.03 9.75 -3.48
C VAL A 122 13.83 9.29 -4.92
N ALA A 123 13.10 8.21 -5.05
CA ALA A 123 13.00 7.44 -6.27
C ALA A 123 11.90 6.39 -6.06
N PRO A 124 11.40 5.81 -7.13
CA PRO A 124 10.46 4.69 -6.91
C PRO A 124 11.25 3.44 -6.52
N LEU A 125 11.58 3.38 -5.23
CA LEU A 125 12.47 2.38 -4.65
C LEU A 125 11.63 1.33 -3.93
N THR A 126 11.60 0.13 -4.49
CA THR A 126 10.76 -0.91 -3.92
C THR A 126 11.21 -1.26 -2.53
N ILE A 127 10.25 -1.27 -1.60
CA ILE A 127 10.50 -1.72 -0.25
C ILE A 127 10.56 -3.23 -0.26
N ASN A 128 11.63 -3.79 0.26
CA ASN A 128 11.69 -5.25 0.35
C ASN A 128 12.65 -5.63 1.47
N ASN A 129 12.67 -6.93 1.73
CA ASN A 129 13.29 -7.42 2.94
C ASN A 129 14.79 -7.23 2.88
N GLU A 130 15.39 -7.60 1.76
CA GLU A 130 16.85 -7.54 1.65
C GLU A 130 17.37 -6.11 1.89
N ARG A 131 16.70 -5.10 1.33
CA ARG A 131 17.10 -3.71 1.55
C ARG A 131 16.81 -3.24 2.97
N ALA A 132 15.66 -3.62 3.53
CA ALA A 132 15.30 -3.15 4.85
C ALA A 132 16.20 -3.72 5.93
N GLN A 133 16.93 -4.79 5.62
CA GLN A 133 17.91 -5.30 6.57
C GLN A 133 19.02 -4.29 6.79
N TYR A 134 19.30 -3.45 5.77
CA TYR A 134 20.43 -2.52 5.72
C TYR A 134 20.04 -1.04 5.81
N ILE A 135 18.88 -0.62 5.28
CA ILE A 135 18.46 0.77 5.35
C ILE A 135 17.07 0.87 5.97
N GLU A 136 16.66 2.11 6.27
CA GLU A 136 15.32 2.43 6.74
C GLU A 136 14.50 2.95 5.58
N PHE A 137 13.28 2.45 5.46
CA PHE A 137 12.32 2.95 4.50
C PHE A 137 11.25 3.74 5.21
N SER A 138 10.77 4.81 4.57
CA SER A 138 9.55 5.45 5.02
C SER A 138 8.38 4.49 4.86
N LYS A 139 7.26 4.85 5.43
CA LYS A 139 5.97 4.35 4.97
C LYS A 139 5.83 4.62 3.47
N PRO A 140 5.11 3.79 2.72
CA PRO A 140 5.13 3.94 1.27
C PRO A 140 4.52 5.25 0.83
N PHE A 141 5.18 5.91 -0.10
CA PHE A 141 4.53 7.08 -0.70
C PHE A 141 3.72 6.70 -1.91
N LYS A 142 3.83 5.44 -2.34
CA LYS A 142 3.07 4.95 -3.49
C LYS A 142 2.96 3.45 -3.34
N TYR A 143 1.72 2.93 -3.35
CA TYR A 143 1.43 1.51 -3.26
C TYR A 143 1.26 1.06 -4.69
N GLN A 144 1.87 -0.05 -5.02
CA GLN A 144 1.90 -0.50 -6.40
C GLN A 144 1.95 -2.03 -6.39
N GLY A 145 2.19 -2.58 -7.56
CA GLY A 145 2.55 -3.97 -7.70
C GLY A 145 2.73 -4.23 -9.17
N LEU A 146 2.52 -5.47 -9.58
CA LEU A 146 2.67 -5.86 -10.96
C LEU A 146 1.31 -5.96 -11.61
N THR A 147 1.24 -5.58 -12.87
CA THR A 147 0.07 -5.87 -13.67
C THR A 147 0.56 -6.28 -15.06
N ILE A 148 -0.37 -6.33 -15.99
CA ILE A 148 -0.16 -6.92 -17.31
C ILE A 148 -0.61 -5.89 -18.35
N LEU A 149 0.22 -5.64 -19.34
CA LEU A 149 -0.16 -4.78 -20.44
C LEU A 149 -0.47 -5.61 -21.70
N VAL A 150 -1.67 -5.37 -22.25
CA VAL A 150 -2.18 -6.11 -23.40
C VAL A 150 -2.84 -5.13 -24.36
N LYS A 151 -3.01 -5.59 -25.61
CA LYS A 151 -3.83 -4.87 -26.57
C LYS A 151 -5.26 -4.74 -26.06
N LYS A 152 -5.87 -3.58 -26.32
CA LYS A 152 -7.29 -3.39 -26.03
C LYS A 152 -8.08 -4.56 -26.57
N GLY A 153 -8.99 -5.09 -25.75
CA GLY A 153 -9.78 -6.24 -26.10
C GLY A 153 -9.40 -7.52 -25.36
N THR A 154 -8.15 -7.63 -24.92
CA THR A 154 -7.67 -8.90 -24.41
C THR A 154 -8.03 -9.09 -22.95
N ARG A 155 -8.42 -10.31 -22.62
CA ARG A 155 -9.04 -10.62 -21.33
C ARG A 155 -8.08 -11.52 -20.58
N ILE A 156 -7.41 -10.94 -19.59
CA ILE A 156 -6.55 -11.68 -18.67
C ILE A 156 -6.96 -11.28 -17.27
N THR A 157 -7.29 -12.26 -16.42
CA THR A 157 -7.79 -11.95 -15.08
C THR A 157 -6.69 -11.56 -14.10
N GLY A 158 -5.44 -11.86 -14.38
CA GLY A 158 -4.38 -11.67 -13.43
C GLY A 158 -3.41 -12.82 -13.52
N ILE A 159 -2.58 -12.94 -12.49
CA ILE A 159 -1.55 -13.96 -12.45
C ILE A 159 -2.12 -15.38 -12.39
N ASN A 160 -3.41 -15.57 -12.10
CA ASN A 160 -3.98 -16.90 -12.03
C ASN A 160 -4.79 -17.26 -13.27
N ASP A 161 -4.69 -16.47 -14.33
CA ASP A 161 -5.43 -16.74 -15.56
C ASP A 161 -4.86 -17.97 -16.28
N PRO A 162 -5.74 -18.83 -16.83
CA PRO A 162 -5.26 -20.08 -17.47
C PRO A 162 -4.25 -19.89 -18.58
N ARG A 163 -4.37 -18.82 -19.39
CA ARG A 163 -3.37 -18.58 -20.43
C ARG A 163 -2.00 -18.21 -19.88
N LEU A 164 -1.91 -17.87 -18.59
CA LEU A 164 -0.63 -17.69 -17.93
C LEU A 164 -0.20 -18.94 -17.16
N ARG A 165 -1.13 -19.58 -16.47
CA ARG A 165 -0.80 -20.77 -15.69
C ARG A 165 -0.41 -21.92 -16.59
N ASN A 166 -1.05 -22.02 -17.75
CA ASN A 166 -0.87 -23.12 -18.70
C ASN A 166 -0.40 -22.49 -20.00
N PRO A 167 0.87 -22.19 -20.10
CA PRO A 167 1.34 -21.36 -21.21
C PRO A 167 1.53 -22.18 -22.47
N SER A 168 1.37 -21.50 -23.60
CA SER A 168 1.74 -22.03 -24.89
C SER A 168 2.17 -20.88 -25.79
N ASP A 169 2.70 -21.25 -26.96
CA ASP A 169 3.06 -20.27 -27.98
C ASP A 169 1.88 -19.51 -28.54
N LYS A 170 0.64 -19.89 -28.20
CA LYS A 170 -0.50 -19.14 -28.73
C LYS A 170 -0.71 -17.81 -28.02
N PHE A 171 -0.22 -17.68 -26.78
CA PHE A 171 -0.34 -16.43 -26.03
C PHE A 171 0.99 -16.24 -25.31
N ILE A 172 1.81 -15.33 -25.86
CA ILE A 172 3.20 -15.15 -25.40
C ILE A 172 3.21 -14.02 -24.37
N TYR A 173 3.82 -14.24 -23.22
CA TYR A 173 3.95 -13.16 -22.25
C TYR A 173 5.37 -13.14 -21.72
N ALA A 174 5.77 -11.99 -21.18
CA ALA A 174 7.18 -11.75 -20.95
C ALA A 174 7.36 -10.50 -20.09
N THR A 175 8.58 -10.34 -19.57
CA THR A 175 8.91 -9.17 -18.77
C THR A 175 10.25 -8.69 -19.31
N VAL A 176 10.96 -7.89 -18.52
CA VAL A 176 12.25 -7.38 -18.94
C VAL A 176 13.32 -8.30 -18.38
N LYS A 177 14.21 -8.76 -19.26
CA LYS A 177 15.32 -9.63 -18.87
C LYS A 177 16.11 -9.06 -17.69
N GLN A 178 16.45 -9.92 -16.72
CA GLN A 178 17.30 -9.59 -15.58
C GLN A 178 16.75 -8.44 -14.72
N SER A 179 15.52 -8.02 -14.95
CA SER A 179 14.89 -7.01 -14.12
C SER A 179 14.56 -7.60 -12.73
N SER A 180 14.10 -6.73 -11.84
CA SER A 180 13.61 -7.20 -10.54
C SER A 180 12.45 -8.20 -10.69
N VAL A 181 11.63 -8.05 -11.73
CA VAL A 181 10.51 -8.98 -11.95
C VAL A 181 11.04 -10.37 -12.32
N ASP A 182 11.92 -10.42 -13.33
CA ASP A 182 12.56 -11.67 -13.71
C ASP A 182 13.18 -12.38 -12.50
N ILE A 183 13.91 -11.64 -11.67
CA ILE A 183 14.54 -12.25 -10.49
C ILE A 183 13.48 -12.77 -9.54
N TYR A 184 12.40 -11.99 -9.34
CA TYR A 184 11.32 -12.41 -8.42
C TYR A 184 10.67 -13.68 -8.91
N PHE A 185 10.37 -13.76 -10.21
CA PHE A 185 9.74 -14.97 -10.72
C PHE A 185 10.67 -16.16 -10.57
N ARG A 186 11.97 -15.95 -10.83
CA ARG A 186 12.89 -17.09 -10.81
C ARG A 186 12.97 -17.70 -9.43
N ARG A 187 12.81 -16.90 -8.37
CA ARG A 187 12.97 -17.42 -7.02
C ARG A 187 11.77 -18.20 -6.48
N GLN A 188 10.61 -18.15 -7.15
CA GLN A 188 9.39 -18.76 -6.63
C GLN A 188 9.13 -20.11 -7.30
N VAL A 189 9.14 -21.19 -6.53
CA VAL A 189 8.98 -22.51 -7.13
C VAL A 189 7.59 -22.66 -7.74
N GLU A 190 6.54 -22.07 -7.12
CA GLU A 190 5.19 -22.17 -7.69
C GLU A 190 5.04 -21.47 -9.05
N LEU A 191 5.96 -20.57 -9.40
CA LEU A 191 5.94 -19.89 -10.68
C LEU A 191 6.91 -20.51 -11.70
N SER A 192 7.45 -21.72 -11.43
CA SER A 192 8.49 -22.27 -12.31
C SER A 192 7.96 -22.44 -13.74
N THR A 193 6.75 -22.99 -13.89
CA THR A 193 6.17 -23.12 -15.21
C THR A 193 6.08 -21.79 -15.93
N MET A 194 5.74 -20.73 -15.21
CA MET A 194 5.61 -19.42 -15.83
C MET A 194 6.96 -18.81 -16.17
N TYR A 195 7.95 -18.96 -15.28
CA TYR A 195 9.28 -18.45 -15.57
C TYR A 195 9.86 -19.09 -16.83
N ARG A 196 9.70 -20.41 -16.96
CA ARG A 196 10.28 -21.11 -18.12
C ARG A 196 9.75 -20.56 -19.43
N HIS A 197 8.46 -20.24 -19.50
CA HIS A 197 7.88 -19.64 -20.71
C HIS A 197 8.41 -18.22 -20.93
N MET A 198 8.53 -17.44 -19.85
CA MET A 198 8.99 -16.06 -19.96
C MET A 198 10.45 -15.97 -20.40
N GLU A 199 11.31 -16.85 -19.90
CA GLU A 199 12.72 -16.70 -20.26
C GLU A 199 12.94 -16.95 -21.74
N LYS A 200 12.03 -17.66 -22.41
CA LYS A 200 12.13 -17.79 -23.86
C LYS A 200 11.85 -16.48 -24.58
N HIS A 201 11.25 -15.51 -23.90
CA HIS A 201 10.72 -14.36 -24.60
C HIS A 201 11.05 -13.02 -23.96
N ASN A 202 11.79 -13.01 -22.85
CA ASN A 202 11.99 -11.74 -22.18
C ASN A 202 12.74 -10.80 -23.09
N TYR A 203 12.40 -9.52 -22.97
CA TYR A 203 12.93 -8.42 -23.75
C TYR A 203 14.01 -7.65 -22.98
N GLU A 204 14.81 -6.90 -23.73
CA GLU A 204 15.95 -6.20 -23.14
C GLU A 204 15.57 -4.96 -22.35
N SER A 205 14.48 -4.29 -22.73
CA SER A 205 14.00 -3.09 -22.05
C SER A 205 12.46 -3.07 -22.04
N ALA A 206 11.90 -2.28 -21.11
CA ALA A 206 10.46 -2.06 -21.06
C ALA A 206 9.94 -1.40 -22.33
N ALA A 207 10.66 -0.41 -22.85
CA ALA A 207 10.23 0.26 -24.08
C ALA A 207 10.06 -0.73 -25.23
N GLU A 208 11.02 -1.62 -25.42
CA GLU A 208 10.90 -2.62 -26.48
C GLU A 208 9.74 -3.58 -26.22
N ALA A 209 9.56 -4.03 -24.98
CA ALA A 209 8.44 -4.93 -24.72
C ALA A 209 7.14 -4.20 -24.99
N ILE A 210 7.07 -2.92 -24.62
CA ILE A 210 5.80 -2.24 -24.86
C ILE A 210 5.54 -2.13 -26.36
N GLN A 211 6.59 -1.95 -27.15
CA GLN A 211 6.39 -1.82 -28.58
C GLN A 211 5.95 -3.14 -29.18
N ALA A 212 6.52 -4.23 -28.70
CA ALA A 212 6.13 -5.54 -29.20
C ALA A 212 4.67 -5.85 -28.89
N VAL A 213 4.12 -5.34 -27.79
CA VAL A 213 2.69 -5.50 -27.57
C VAL A 213 1.92 -4.77 -28.66
N ARG A 214 2.41 -3.60 -29.07
CA ARG A 214 1.73 -2.81 -30.09
C ARG A 214 1.76 -3.50 -31.44
N ASP A 215 2.86 -4.21 -31.73
CA ASP A 215 3.11 -4.87 -33.01
C ASP A 215 2.76 -6.36 -32.98
N ASN A 216 1.91 -6.76 -32.04
CA ASN A 216 1.41 -8.12 -31.96
C ASN A 216 2.50 -9.18 -32.01
N LYS A 217 3.71 -8.85 -31.54
CA LYS A 217 4.72 -9.88 -31.32
C LYS A 217 4.77 -10.35 -29.87
N LEU A 218 4.23 -9.58 -28.94
CA LEU A 218 4.10 -9.98 -27.55
C LEU A 218 2.64 -9.79 -27.18
N HIS A 219 2.05 -10.78 -26.54
CA HIS A 219 0.64 -10.60 -26.23
C HIS A 219 0.44 -9.96 -24.88
N ALA A 220 1.41 -10.11 -23.97
CA ALA A 220 1.26 -9.53 -22.65
C ALA A 220 2.62 -9.24 -22.05
N PHE A 221 2.73 -8.08 -21.43
CA PHE A 221 3.94 -7.58 -20.79
C PHE A 221 3.64 -7.42 -19.30
N ILE A 222 4.40 -8.15 -18.47
CA ILE A 222 4.29 -8.10 -17.03
C ILE A 222 5.28 -7.08 -16.50
N TRP A 223 4.78 -6.07 -15.79
CA TRP A 223 5.65 -4.98 -15.34
C TRP A 223 5.00 -4.18 -14.21
N ASP A 224 5.75 -3.19 -13.73
CA ASP A 224 5.28 -2.22 -12.73
C ASP A 224 3.95 -1.61 -13.10
N SER A 225 3.01 -1.66 -12.16
CA SER A 225 1.66 -1.20 -12.46
C SER A 225 1.65 0.30 -12.67
N ALA A 226 2.37 1.04 -11.83
CA ALA A 226 2.48 2.49 -12.02
C ALA A 226 3.00 2.81 -13.42
N VAL A 227 4.10 2.19 -13.83
CA VAL A 227 4.56 2.44 -15.20
C VAL A 227 3.49 2.08 -16.21
N LEU A 228 2.81 0.93 -16.01
CA LEU A 228 1.93 0.42 -17.05
C LEU A 228 0.65 1.24 -17.14
N GLU A 229 0.11 1.63 -15.99
CA GLU A 229 -1.02 2.55 -16.02
C GLU A 229 -0.64 3.86 -16.73
N PHE A 230 0.55 4.40 -16.44
CA PHE A 230 1.03 5.59 -17.18
C PHE A 230 1.07 5.31 -18.67
N GLU A 231 1.54 4.13 -19.07
CA GLU A 231 1.61 3.81 -20.49
C GLU A 231 0.22 3.73 -21.11
N ALA A 232 -0.74 3.05 -20.45
CA ALA A 232 -2.08 2.97 -21.00
C ALA A 232 -2.74 4.35 -21.11
N SER A 233 -2.44 5.27 -20.20
CA SER A 233 -2.90 6.65 -20.35
C SER A 233 -2.48 7.26 -21.68
N GLN A 234 -1.23 7.05 -22.09
CA GLN A 234 -0.67 7.69 -23.28
C GLN A 234 -1.18 7.03 -24.55
N LYS A 235 -0.81 5.77 -24.75
CA LYS A 235 -1.15 5.00 -25.94
C LYS A 235 -2.48 4.27 -25.72
N CYS A 236 -3.52 4.69 -26.43
CA CYS A 236 -4.88 4.24 -26.14
C CYS A 236 -5.22 2.91 -26.83
N ASP A 237 -4.29 2.31 -27.59
CA ASP A 237 -4.49 0.96 -28.11
C ASP A 237 -4.11 -0.13 -27.10
N LEU A 238 -3.39 0.22 -26.02
CA LEU A 238 -3.01 -0.71 -24.95
C LEU A 238 -3.85 -0.46 -23.71
N VAL A 239 -4.02 -1.51 -22.91
CA VAL A 239 -4.66 -1.38 -21.62
C VAL A 239 -3.94 -2.30 -20.65
N THR A 240 -4.14 -2.03 -19.38
CA THR A 240 -3.80 -3.01 -18.37
C THR A 240 -5.02 -3.87 -18.14
N THR A 241 -4.78 -5.05 -17.61
CA THR A 241 -5.82 -6.04 -17.43
C THR A 241 -5.47 -6.86 -16.19
N GLY A 242 -6.51 -7.27 -15.46
CA GLY A 242 -6.34 -8.19 -14.35
C GLY A 242 -6.06 -7.47 -13.04
N GLU A 243 -6.31 -8.20 -11.95
CA GLU A 243 -5.99 -7.72 -10.62
C GLU A 243 -4.47 -7.59 -10.45
N LEU A 244 -4.04 -6.55 -9.73
CA LEU A 244 -2.64 -6.42 -9.38
C LEU A 244 -2.21 -7.62 -8.59
N PHE A 245 -0.95 -7.99 -8.75
CA PHE A 245 -0.40 -9.06 -7.96
C PHE A 245 0.99 -8.64 -7.53
N PHE A 246 1.51 -9.39 -6.57
CA PHE A 246 2.81 -9.17 -5.95
C PHE A 246 2.97 -7.70 -5.56
N ARG A 247 1.99 -7.25 -4.77
CA ARG A 247 1.88 -5.87 -4.36
C ARG A 247 3.00 -5.50 -3.39
N SER A 248 3.44 -4.25 -3.50
CA SER A 248 4.39 -3.67 -2.55
C SER A 248 4.24 -2.15 -2.62
N GLY A 249 5.28 -1.44 -2.29
CA GLY A 249 5.18 0.01 -2.26
C GLY A 249 6.57 0.52 -2.48
N PHE A 250 6.63 1.80 -2.87
CA PHE A 250 7.86 2.57 -2.93
C PHE A 250 7.98 3.40 -1.68
N GLY A 251 9.20 3.47 -1.16
CA GLY A 251 9.48 4.22 0.04
C GLY A 251 10.70 5.11 -0.19
N ILE A 252 10.78 6.18 0.59
CA ILE A 252 12.04 6.90 0.65
C ILE A 252 13.03 6.12 1.50
N GLY A 253 14.29 6.09 1.06
CA GLY A 253 15.32 5.33 1.75
C GLY A 253 16.30 6.24 2.47
N MET A 254 16.60 5.87 3.71
CA MET A 254 17.53 6.59 4.56
C MET A 254 18.40 5.58 5.28
N ARG A 255 19.53 6.03 5.84
CA ARG A 255 20.35 5.12 6.61
C ARG A 255 19.72 4.85 7.98
N LYS A 256 20.14 3.75 8.60
CA LYS A 256 19.65 3.43 9.94
C LYS A 256 19.89 4.57 10.90
N ASP A 257 18.94 4.77 11.79
CA ASP A 257 19.03 5.86 12.74
C ASP A 257 19.51 7.12 12.01
N SER A 258 18.74 7.50 11.01
CA SER A 258 18.82 8.85 10.47
C SER A 258 17.86 9.73 11.27
N PRO A 259 18.21 10.99 11.55
CA PRO A 259 17.31 11.85 12.35
C PRO A 259 16.02 12.25 11.62
N TRP A 260 15.92 12.00 10.33
CA TRP A 260 14.76 12.42 9.54
C TRP A 260 13.70 11.34 9.39
N LYS A 261 13.98 10.11 9.83
CA LYS A 261 13.16 8.95 9.46
C LYS A 261 11.70 9.13 9.88
N GLN A 262 11.46 9.51 11.14
CA GLN A 262 10.08 9.52 11.61
C GLN A 262 9.30 10.65 10.97
N ASN A 263 9.92 11.81 10.83
CA ASN A 263 9.20 12.94 10.29
C ASN A 263 8.98 12.80 8.80
N VAL A 264 9.91 12.16 8.10
CA VAL A 264 9.62 11.88 6.70
C VAL A 264 8.39 10.98 6.60
N SER A 265 8.29 9.96 7.46
CA SER A 265 7.16 9.06 7.36
C SER A 265 5.86 9.74 7.72
N LEU A 266 5.86 10.52 8.82
CA LEU A 266 4.65 11.23 9.18
C LEU A 266 4.23 12.19 8.08
N SER A 267 5.20 12.84 7.41
CA SER A 267 4.81 13.77 6.34
C SER A 267 4.21 13.03 5.15
N ILE A 268 4.72 11.86 4.83
CA ILE A 268 4.11 11.06 3.77
C ILE A 268 2.69 10.64 4.15
N LEU A 269 2.48 10.17 5.39
CA LEU A 269 1.12 9.83 5.82
C LEU A 269 0.20 11.04 5.72
N LYS A 270 0.67 12.21 6.13
CA LYS A 270 -0.14 13.41 6.07
C LYS A 270 -0.54 13.74 4.64
N SER A 271 0.40 13.61 3.71
CA SER A 271 0.12 13.92 2.31
C SER A 271 -0.78 12.87 1.66
N HIS A 272 -0.75 11.63 2.11
CA HIS A 272 -1.81 10.72 1.65
C HIS A 272 -3.16 11.20 2.17
N GLU A 273 -3.22 11.50 3.45
CA GLU A 273 -4.50 11.77 4.09
C GLU A 273 -5.14 13.05 3.58
N ASN A 274 -4.36 14.06 3.16
CA ASN A 274 -4.95 15.33 2.74
C ASN A 274 -5.09 15.46 1.23
N GLY A 275 -4.89 14.39 0.50
CA GLY A 275 -5.09 14.41 -0.93
C GLY A 275 -3.90 14.88 -1.74
N PHE A 276 -2.83 15.33 -1.10
CA PHE A 276 -1.66 15.74 -1.89
C PHE A 276 -1.18 14.58 -2.74
N MET A 277 -1.06 13.37 -2.17
CA MET A 277 -0.50 12.27 -2.97
C MET A 277 -1.43 11.87 -4.10
N GLU A 278 -2.74 11.85 -3.86
CA GLU A 278 -3.65 11.56 -4.95
C GLU A 278 -3.54 12.61 -6.04
N ASP A 279 -3.30 13.88 -5.67
CA ASP A 279 -3.11 14.89 -6.71
C ASP A 279 -1.88 14.61 -7.57
N LEU A 280 -0.78 14.13 -6.96
CA LEU A 280 0.38 13.74 -7.77
C LEU A 280 0.08 12.53 -8.64
N ASP A 281 -0.68 11.57 -8.14
CA ASP A 281 -1.10 10.45 -8.97
C ASP A 281 -1.84 10.94 -10.21
N LYS A 282 -2.74 11.90 -10.03
CA LYS A 282 -3.48 12.41 -11.19
C LYS A 282 -2.56 13.16 -12.15
N THR A 283 -1.64 13.95 -11.63
CA THR A 283 -0.80 14.76 -12.51
C THR A 283 0.13 13.88 -13.33
N TRP A 284 0.71 12.86 -12.71
CA TRP A 284 1.86 12.19 -13.30
C TRP A 284 1.60 10.79 -13.80
N VAL A 285 0.59 10.09 -13.27
CA VAL A 285 0.45 8.66 -13.52
C VAL A 285 -0.77 8.35 -14.40
N ARG A 286 -1.93 8.90 -14.10
CA ARG A 286 -3.11 8.68 -14.93
C ARG A 286 -3.54 9.91 -15.74
N TYR A 287 -4.35 9.65 -16.77
CA TYR A 287 -4.96 10.69 -17.62
C TYR A 287 -6.32 10.24 -18.21
N ASP B 3 10.19 -11.40 28.62
CA ASP B 3 9.51 -12.64 28.21
C ASP B 3 9.21 -12.56 26.71
N ASN B 4 8.91 -13.72 26.12
CA ASN B 4 8.43 -13.80 24.75
C ASN B 4 6.99 -14.35 24.70
N HIS B 5 6.22 -14.15 25.79
CA HIS B 5 4.78 -14.40 25.82
C HIS B 5 4.05 -13.06 25.82
N LEU B 6 3.32 -12.77 24.77
CA LEU B 6 2.89 -11.41 24.49
C LEU B 6 1.38 -11.29 24.61
N SER B 7 0.93 -10.20 25.18
CA SER B 7 -0.49 -9.89 25.12
C SER B 7 -0.78 -9.18 23.81
N ILE B 8 -1.70 -9.72 23.04
CA ILE B 8 -2.07 -9.18 21.75
C ILE B 8 -3.58 -8.94 21.68
N VAL B 9 -3.96 -7.80 21.14
CA VAL B 9 -5.37 -7.43 21.03
C VAL B 9 -5.76 -7.44 19.57
N THR B 10 -7.03 -7.79 19.32
CA THR B 10 -7.58 -7.78 17.98
C THR B 10 -9.05 -7.38 18.10
N LEU B 11 -9.74 -7.38 16.96
CA LEU B 11 -11.09 -6.88 16.81
C LEU B 11 -11.77 -7.65 15.67
N GLU B 12 -13.01 -8.09 15.85
CA GLU B 12 -13.66 -8.86 14.80
C GLU B 12 -13.97 -7.97 13.59
N GLU B 13 -13.56 -8.40 12.40
CA GLU B 13 -13.94 -7.71 11.17
C GLU B 13 -13.63 -8.61 9.96
N ALA B 14 -14.64 -9.28 9.48
CA ALA B 14 -14.41 -10.27 8.45
C ALA B 14 -13.95 -9.58 7.17
N PRO B 15 -13.08 -10.21 6.41
CA PRO B 15 -12.47 -11.51 6.56
C PRO B 15 -11.14 -11.42 7.28
N PHE B 16 -10.82 -10.28 7.89
CA PHE B 16 -9.50 -10.12 8.51
C PHE B 16 -9.40 -10.87 9.82
N VAL B 17 -10.46 -10.80 10.61
CA VAL B 17 -10.54 -11.47 11.90
C VAL B 17 -11.99 -11.93 12.04
N ILE B 18 -12.21 -13.23 12.11
CA ILE B 18 -13.53 -13.84 12.20
C ILE B 18 -13.61 -14.63 13.51
N VAL B 19 -14.62 -14.34 14.31
CA VAL B 19 -14.72 -14.93 15.64
C VAL B 19 -15.76 -16.05 15.60
N GLU B 20 -15.41 -17.20 16.18
CA GLU B 20 -16.25 -18.39 16.18
C GLU B 20 -16.37 -18.91 17.61
N ASP B 21 -17.41 -19.71 17.85
CA ASP B 21 -17.53 -20.37 19.15
C ASP B 21 -16.58 -21.57 19.21
N ILE B 22 -16.03 -21.80 20.40
CA ILE B 22 -15.19 -22.96 20.61
C ILE B 22 -16.08 -24.20 20.60
N ASP B 23 -15.54 -25.33 20.15
CA ASP B 23 -16.31 -26.57 20.26
C ASP B 23 -16.51 -26.91 21.74
N PRO B 24 -17.74 -27.17 22.17
CA PRO B 24 -18.00 -27.18 23.62
C PRO B 24 -17.41 -28.38 24.34
N LEU B 25 -17.48 -29.57 23.74
CA LEU B 25 -16.92 -30.76 24.39
C LEU B 25 -15.42 -30.64 24.56
N THR B 26 -14.70 -30.34 23.47
CA THR B 26 -13.25 -30.37 23.46
C THR B 26 -12.64 -29.15 24.14
N GLU B 27 -13.32 -27.99 24.10
CA GLU B 27 -12.76 -26.73 24.59
C GLU B 27 -11.44 -26.38 23.90
N THR B 28 -11.31 -26.78 22.63
CA THR B 28 -10.10 -26.50 21.86
C THR B 28 -10.44 -25.86 20.53
N CYS B 29 -9.51 -25.03 20.05
N CYS B 29 -9.51 -24.99 20.07
CA CYS B 29 -9.63 -24.39 18.75
CA CYS B 29 -9.58 -24.39 18.75
C CYS B 29 -8.81 -25.18 17.75
C CYS B 29 -8.81 -25.29 17.78
N VAL B 30 -9.46 -25.69 16.69
CA VAL B 30 -8.81 -26.57 15.72
C VAL B 30 -8.73 -25.92 14.35
N ARG B 31 -8.21 -26.66 13.38
CA ARG B 31 -8.16 -26.24 11.98
C ARG B 31 -7.26 -24.99 11.92
N ASN B 32 -7.68 -23.99 11.18
CA ASN B 32 -6.92 -22.76 11.02
C ASN B 32 -7.23 -21.71 12.10
N THR B 33 -7.93 -22.08 13.18
CA THR B 33 -8.29 -21.10 14.21
C THR B 33 -7.28 -21.08 15.36
N VAL B 34 -7.31 -20.01 16.13
CA VAL B 34 -6.49 -19.86 17.33
C VAL B 34 -7.36 -19.39 18.49
N PRO B 35 -6.98 -19.67 19.72
CA PRO B 35 -7.76 -19.21 20.87
C PRO B 35 -7.72 -17.71 21.04
N CYS B 36 -8.85 -17.16 21.42
N CYS B 36 -8.84 -17.17 21.52
CA CYS B 36 -8.98 -15.76 21.80
CA CYS B 36 -9.00 -15.73 21.76
C CYS B 36 -9.99 -15.68 22.94
C CYS B 36 -10.11 -15.52 22.77
N ARG B 37 -9.88 -14.63 23.73
CA ARG B 37 -10.79 -14.40 24.82
C ARG B 37 -11.50 -13.07 24.61
N LYS B 38 -12.73 -13.03 25.06
CA LYS B 38 -13.51 -11.80 25.03
C LYS B 38 -14.14 -11.61 26.40
N PHE B 39 -13.90 -10.45 27.00
CA PHE B 39 -14.51 -10.08 28.26
C PHE B 39 -15.98 -9.74 28.06
N VAL B 40 -16.88 -10.44 28.76
CA VAL B 40 -18.32 -10.29 28.57
C VAL B 40 -18.93 -10.02 29.95
N LYS B 41 -19.73 -8.97 30.05
CA LYS B 41 -20.27 -8.55 31.34
C LYS B 41 -21.37 -9.50 31.80
N ILE B 42 -21.49 -9.66 33.11
CA ILE B 42 -22.55 -10.50 33.64
C ILE B 42 -23.90 -9.81 33.53
N ASN B 43 -23.94 -8.50 33.71
CA ASN B 43 -25.18 -7.74 33.72
C ASN B 43 -24.84 -6.27 33.51
N ASN B 44 -25.87 -5.41 33.55
CA ASN B 44 -25.62 -3.99 33.32
C ASN B 44 -25.44 -3.17 34.57
N SER B 45 -25.60 -3.76 35.75
CA SER B 45 -25.50 -2.93 36.94
C SER B 45 -24.05 -2.72 37.37
N THR B 46 -23.24 -3.77 37.31
CA THR B 46 -21.85 -3.71 37.74
C THR B 46 -20.96 -4.01 36.54
N ASN B 47 -19.66 -4.03 36.79
CA ASN B 47 -18.68 -4.30 35.75
C ASN B 47 -18.03 -5.66 35.91
N GLU B 48 -18.56 -6.49 36.80
CA GLU B 48 -18.09 -7.87 36.87
C GLU B 48 -18.36 -8.57 35.53
N GLY B 49 -17.41 -9.41 35.16
CA GLY B 49 -17.49 -10.07 33.87
C GLY B 49 -16.63 -11.30 33.86
N MET B 50 -16.74 -12.01 32.73
CA MET B 50 -16.07 -13.29 32.50
C MET B 50 -15.25 -13.20 31.23
N ASN B 51 -14.06 -13.76 31.24
CA ASN B 51 -13.33 -13.98 29.99
C ASN B 51 -13.83 -15.26 29.33
N VAL B 52 -14.50 -15.10 28.20
CA VAL B 52 -15.06 -16.20 27.43
C VAL B 52 -14.03 -16.66 26.42
N LYS B 53 -13.84 -17.97 26.34
CA LYS B 53 -12.93 -18.60 25.40
C LYS B 53 -13.61 -18.73 24.06
N LYS B 54 -13.01 -18.14 23.05
CA LYS B 54 -13.52 -18.20 21.69
C LYS B 54 -12.37 -18.66 20.79
N CYS B 55 -12.68 -18.79 19.51
N CYS B 55 -12.63 -18.75 19.49
CA CYS B 55 -11.70 -19.08 18.46
CA CYS B 55 -11.57 -19.06 18.53
C CYS B 55 -11.77 -17.97 17.42
C CYS B 55 -11.68 -18.10 17.35
N CYS B 56 -10.62 -17.71 16.77
N CYS B 56 -10.53 -17.65 16.86
CA CYS B 56 -10.43 -16.60 15.86
CA CYS B 56 -10.46 -16.64 15.82
C CYS B 56 -9.74 -17.15 14.61
C CYS B 56 -9.77 -17.21 14.60
N LYS B 57 -10.18 -16.73 13.43
CA LYS B 57 -9.49 -17.06 12.20
C LYS B 57 -9.59 -15.86 11.26
N GLY B 58 -8.89 -15.95 10.13
CA GLY B 58 -8.96 -14.96 9.09
C GLY B 58 -7.58 -14.57 8.60
N PHE B 59 -7.56 -13.67 7.63
CA PHE B 59 -6.30 -13.19 7.03
C PHE B 59 -5.31 -12.68 8.07
N CYS B 60 -5.74 -11.80 9.00
CA CYS B 60 -4.82 -11.26 10.01
C CYS B 60 -4.35 -12.31 11.00
N ILE B 61 -5.21 -13.26 11.31
CA ILE B 61 -4.82 -14.38 12.16
C ILE B 61 -3.81 -15.26 11.46
N ASP B 62 -4.00 -15.53 10.18
CA ASP B 62 -2.95 -16.27 9.49
C ASP B 62 -1.63 -15.50 9.53
N ILE B 63 -1.69 -14.16 9.41
CA ILE B 63 -0.49 -13.35 9.57
C ILE B 63 0.08 -13.51 10.97
N LEU B 64 -0.79 -13.47 11.96
CA LEU B 64 -0.28 -13.60 13.32
C LEU B 64 0.40 -14.96 13.52
N LYS B 65 -0.20 -16.03 12.98
CA LYS B 65 0.40 -17.35 13.20
C LYS B 65 1.79 -17.38 12.57
N LYS B 66 1.95 -16.75 11.42
CA LYS B 66 3.22 -16.80 10.72
C LYS B 66 4.26 -15.97 11.45
N LEU B 67 3.87 -14.80 11.96
CA LEU B 67 4.83 -14.00 12.72
C LEU B 67 5.25 -14.68 14.01
N SER B 68 4.29 -15.36 14.68
CA SER B 68 4.60 -16.10 15.90
C SER B 68 5.67 -17.17 15.67
N ARG B 69 5.66 -17.83 14.52
CA ARG B 69 6.69 -18.83 14.23
C ARG B 69 8.00 -18.18 13.83
N THR B 70 7.94 -17.18 12.94
CA THR B 70 9.16 -16.61 12.38
C THR B 70 9.89 -15.77 13.40
N VAL B 71 9.17 -14.88 14.09
CA VAL B 71 9.77 -13.98 15.09
C VAL B 71 9.93 -14.64 16.45
N LYS B 72 9.32 -15.81 16.66
CA LYS B 72 9.60 -16.62 17.84
C LYS B 72 8.98 -16.00 19.08
N PHE B 73 7.64 -15.98 19.14
CA PHE B 73 6.93 -15.55 20.33
C PHE B 73 5.67 -16.39 20.44
N THR B 74 5.12 -16.44 21.63
CA THR B 74 3.77 -16.96 21.86
C THR B 74 2.92 -15.81 22.38
N TYR B 75 1.63 -16.06 22.55
CA TYR B 75 0.73 -14.94 22.76
C TYR B 75 -0.58 -15.38 23.42
N ASP B 76 -1.21 -14.39 24.05
CA ASP B 76 -2.56 -14.48 24.62
C ASP B 76 -3.37 -13.43 23.86
N LEU B 77 -4.13 -13.88 22.86
CA LEU B 77 -4.93 -13.01 22.04
C LEU B 77 -6.27 -12.68 22.72
N TYR B 78 -6.64 -11.41 22.76
CA TYR B 78 -7.96 -11.06 23.28
C TYR B 78 -8.63 -10.05 22.37
N LEU B 79 -9.96 -10.01 22.45
CA LEU B 79 -10.73 -9.06 21.67
C LEU B 79 -11.00 -7.79 22.47
N VAL B 80 -10.78 -6.65 21.84
CA VAL B 80 -11.00 -5.38 22.53
C VAL B 80 -12.49 -5.21 22.84
N THR B 81 -12.79 -4.62 23.98
CA THR B 81 -14.16 -4.37 24.40
C THR B 81 -14.44 -2.92 24.69
N ASN B 82 -13.40 -2.09 24.81
CA ASN B 82 -13.53 -0.65 25.04
C ASN B 82 -13.33 0.10 23.72
N GLY B 83 -14.39 0.20 22.94
CA GLY B 83 -14.27 0.82 21.63
C GLY B 83 -13.93 -0.20 20.56
N LYS B 84 -13.44 0.27 19.42
CA LYS B 84 -13.20 -0.60 18.29
C LYS B 84 -11.77 -0.43 17.81
N HIS B 85 -11.56 0.17 16.64
CA HIS B 85 -10.20 0.22 16.10
C HIS B 85 -9.36 1.19 16.90
N GLY B 86 -9.87 2.40 17.11
CA GLY B 86 -9.15 3.38 17.89
C GLY B 86 -9.59 4.78 17.60
N LYS B 87 -10.06 5.48 18.63
CA LYS B 87 -10.41 6.88 18.52
C LYS B 87 -9.94 7.64 19.75
N LYS B 88 -9.46 8.85 19.54
CA LYS B 88 -9.07 9.70 20.64
C LYS B 88 -10.33 10.42 21.13
N VAL B 89 -10.75 10.14 22.35
CA VAL B 89 -11.99 10.73 22.87
C VAL B 89 -11.63 11.50 24.13
N ASN B 90 -11.91 12.80 24.12
CA ASN B 90 -11.54 13.69 25.24
C ASN B 90 -10.08 13.48 25.60
N ASN B 91 -9.25 13.47 24.56
CA ASN B 91 -7.82 13.28 24.64
C ASN B 91 -7.38 11.94 25.21
N VAL B 92 -8.21 10.91 25.15
CA VAL B 92 -7.82 9.56 25.61
C VAL B 92 -8.13 8.55 24.51
N TRP B 93 -7.14 7.78 24.09
CA TRP B 93 -7.36 6.80 23.03
C TRP B 93 -8.12 5.59 23.54
N ASN B 94 -9.15 5.14 22.80
CA ASN B 94 -9.79 3.87 23.08
C ASN B 94 -9.48 2.85 22.00
N GLY B 95 -10.18 1.71 22.06
CA GLY B 95 -10.05 0.69 21.05
C GLY B 95 -8.71 -0.02 21.09
N MET B 96 -8.35 -0.64 19.98
N MET B 96 -8.38 -0.67 19.97
CA MET B 96 -7.10 -1.39 19.91
CA MET B 96 -7.10 -1.37 19.84
C MET B 96 -5.91 -0.45 20.11
C MET B 96 -5.94 -0.44 20.13
N ILE B 97 -5.98 0.76 19.55
CA ILE B 97 -4.90 1.73 19.75
C ILE B 97 -4.75 2.03 21.24
N GLY B 98 -5.86 2.22 21.93
CA GLY B 98 -5.78 2.51 23.35
C GLY B 98 -5.18 1.37 24.16
N GLU B 99 -5.50 0.12 23.79
CA GLU B 99 -4.90 -1.00 24.52
C GLU B 99 -3.39 -0.99 24.40
N VAL B 100 -2.88 -0.57 23.26
CA VAL B 100 -1.44 -0.53 23.07
C VAL B 100 -0.84 0.69 23.78
N VAL B 101 -1.42 1.87 23.59
CA VAL B 101 -0.94 3.09 24.25
C VAL B 101 -0.83 2.90 25.75
N TYR B 102 -1.84 2.29 26.37
CA TYR B 102 -1.91 2.13 27.81
C TYR B 102 -1.36 0.78 28.27
N GLN B 103 -0.68 0.03 27.39
CA GLN B 103 0.24 -1.05 27.75
C GLN B 103 -0.46 -2.31 28.27
N ARG B 104 -1.72 -2.48 27.88
CA ARG B 104 -2.41 -3.75 28.11
C ARG B 104 -2.11 -4.77 27.02
N ALA B 105 -1.63 -4.31 25.89
CA ALA B 105 -1.27 -5.17 24.78
C ALA B 105 0.09 -4.74 24.26
N VAL B 106 0.90 -5.72 23.91
CA VAL B 106 2.16 -5.44 23.25
C VAL B 106 1.99 -5.15 21.76
N MET B 107 0.97 -5.70 21.12
N MET B 107 0.94 -5.69 21.15
CA MET B 107 0.71 -5.40 19.72
CA MET B 107 0.67 -5.54 19.73
C MET B 107 -0.78 -5.58 19.44
C MET B 107 -0.84 -5.48 19.54
N ALA B 108 -1.25 -4.85 18.45
CA ALA B 108 -2.63 -4.88 17.99
C ALA B 108 -2.58 -5.37 16.55
N VAL B 109 -3.40 -6.38 16.26
CA VAL B 109 -3.42 -7.12 15.00
C VAL B 109 -4.85 -7.17 14.48
N GLY B 110 -5.03 -6.74 13.24
CA GLY B 110 -6.37 -6.72 12.70
C GLY B 110 -6.39 -5.75 11.55
N SER B 111 -7.59 -5.27 11.27
CA SER B 111 -7.83 -4.35 10.16
C SER B 111 -7.65 -2.91 10.67
N LEU B 112 -6.44 -2.66 11.14
CA LEU B 112 -6.08 -1.41 11.79
C LEU B 112 -5.38 -0.48 10.80
N THR B 113 -6.05 0.59 10.44
CA THR B 113 -5.52 1.49 9.45
C THR B 113 -4.41 2.37 10.03
N ILE B 114 -3.32 2.50 9.27
CA ILE B 114 -2.22 3.39 9.60
C ILE B 114 -2.60 4.81 9.21
N ASN B 115 -2.58 5.75 10.17
CA ASN B 115 -2.67 7.16 9.84
C ASN B 115 -1.75 8.00 10.74
N GLU B 116 -1.70 9.28 10.46
CA GLU B 116 -0.70 10.15 11.07
C GLU B 116 -0.93 10.28 12.57
N GLU B 117 -2.17 10.53 12.96
CA GLU B 117 -2.43 10.74 14.38
C GLU B 117 -2.23 9.47 15.19
N ARG B 118 -2.50 8.29 14.63
CA ARG B 118 -2.22 7.10 15.41
C ARG B 118 -0.72 6.85 15.48
N SER B 119 -0.01 7.25 14.45
CA SER B 119 1.43 7.01 14.42
C SER B 119 2.20 7.91 15.38
N GLU B 120 1.55 8.91 15.96
CA GLU B 120 2.16 9.71 17.01
C GLU B 120 2.07 9.04 18.37
N VAL B 121 1.16 8.10 18.58
CA VAL B 121 1.08 7.44 19.87
C VAL B 121 1.46 5.97 19.84
N VAL B 122 1.52 5.33 18.66
CA VAL B 122 2.04 3.97 18.55
C VAL B 122 3.01 3.90 17.38
N ASP B 123 3.85 2.85 17.37
CA ASP B 123 4.63 2.50 16.19
C ASP B 123 3.92 1.44 15.36
N PHE B 124 3.84 1.65 14.06
CA PHE B 124 3.27 0.67 13.16
C PHE B 124 4.37 -0.08 12.44
N SER B 125 4.09 -1.36 12.18
CA SER B 125 4.86 -2.12 11.21
C SER B 125 4.70 -1.51 9.82
N VAL B 126 5.47 -2.04 8.88
CA VAL B 126 5.16 -1.83 7.47
C VAL B 126 3.72 -2.27 7.22
N PRO B 127 3.03 -1.65 6.28
CA PRO B 127 1.69 -2.13 5.90
C PRO B 127 1.77 -3.52 5.28
N PHE B 128 0.81 -4.38 5.62
CA PHE B 128 0.79 -5.72 5.06
C PHE B 128 -0.41 -5.93 4.13
N VAL B 129 -1.30 -4.95 4.03
CA VAL B 129 -2.41 -4.94 3.09
C VAL B 129 -2.69 -3.49 2.77
N GLU B 130 -2.85 -3.18 1.49
CA GLU B 130 -3.21 -1.84 1.10
C GLU B 130 -4.68 -1.61 1.39
N THR B 131 -4.97 -0.43 1.91
CA THR B 131 -6.34 0.04 2.06
C THR B 131 -6.36 1.55 1.90
N GLY B 132 -7.38 2.17 2.43
CA GLY B 132 -7.70 3.54 2.14
C GLY B 132 -9.20 3.75 2.24
N ILE B 133 -9.71 4.70 1.49
CA ILE B 133 -11.13 5.02 1.55
C ILE B 133 -11.70 4.72 0.17
N SER B 134 -12.75 3.91 0.13
CA SER B 134 -13.49 3.69 -1.09
C SER B 134 -14.94 4.13 -0.89
N VAL B 135 -15.66 4.13 -1.99
CA VAL B 135 -17.04 4.54 -2.06
C VAL B 135 -17.79 3.43 -2.74
N MET B 136 -18.78 2.88 -2.05
N MET B 136 -18.78 2.87 -2.05
CA MET B 136 -19.61 1.81 -2.56
CA MET B 136 -19.61 1.79 -2.58
C MET B 136 -20.99 2.38 -2.94
C MET B 136 -21.01 2.30 -2.90
N VAL B 137 -21.53 1.93 -4.05
CA VAL B 137 -22.83 2.40 -4.51
C VAL B 137 -23.55 1.21 -5.12
N SER B 138 -24.86 1.38 -5.39
CA SER B 138 -25.54 0.41 -6.26
C SER B 138 -25.22 0.74 -7.71
N ARG B 139 -24.99 -0.30 -8.51
CA ARG B 139 -24.63 -0.12 -9.90
C ARG B 139 -25.61 0.85 -10.55
N GLY B 140 -25.09 1.80 -11.32
CA GLY B 140 -25.89 2.86 -11.87
C GLY B 140 -25.79 4.19 -11.14
N THR B 141 -25.54 4.18 -9.83
CA THR B 141 -25.37 5.44 -9.12
C THR B 141 -24.06 6.07 -9.62
N GLN B 142 -24.14 7.34 -10.01
CA GLN B 142 -23.02 8.01 -10.65
C GLN B 142 -22.37 8.95 -9.65
N VAL B 143 -21.10 8.70 -9.33
CA VAL B 143 -20.30 9.61 -8.54
C VAL B 143 -18.87 9.36 -8.93
N THR B 144 -18.07 10.42 -8.89
CA THR B 144 -16.74 10.43 -9.47
C THR B 144 -15.68 10.10 -8.45
N GLY B 145 -15.94 10.42 -7.20
CA GLY B 145 -14.95 10.22 -6.16
C GLY B 145 -15.34 11.07 -4.96
N LEU B 146 -14.39 11.16 -4.03
CA LEU B 146 -14.67 11.84 -2.78
C LEU B 146 -14.87 13.32 -2.99
N SER B 147 -14.33 13.89 -4.07
CA SER B 147 -14.48 15.32 -4.34
C SER B 147 -15.69 15.63 -5.21
N ASP B 148 -16.50 14.65 -5.56
CA ASP B 148 -17.75 14.93 -6.25
C ASP B 148 -18.53 15.98 -5.47
N LYS B 149 -19.07 16.97 -6.21
CA LYS B 149 -19.88 18.01 -5.59
C LYS B 149 -21.02 17.43 -4.76
N LYS B 150 -21.60 16.31 -5.23
CA LYS B 150 -22.64 15.64 -4.46
C LYS B 150 -22.20 15.35 -3.04
N PHE B 151 -20.93 15.05 -2.81
CA PHE B 151 -20.45 14.85 -1.46
C PHE B 151 -19.99 16.13 -0.78
N GLN B 152 -19.38 17.03 -1.55
CA GLN B 152 -18.67 18.16 -0.95
C GLN B 152 -19.64 19.25 -0.54
N ARG B 153 -20.68 19.43 -1.36
CA ARG B 153 -21.70 20.47 -1.18
C ARG B 153 -23.07 19.82 -1.41
N PRO B 154 -23.51 18.97 -0.48
CA PRO B 154 -24.68 18.12 -0.76
C PRO B 154 -26.00 18.86 -0.87
N HIS B 155 -26.15 20.02 -0.24
CA HIS B 155 -27.42 20.74 -0.41
C HIS B 155 -27.49 21.55 -1.69
N ASP B 156 -26.48 21.47 -2.54
CA ASP B 156 -26.58 22.04 -3.88
C ASP B 156 -27.52 21.24 -4.76
N TYR B 157 -28.08 20.15 -4.24
CA TYR B 157 -28.80 19.17 -5.04
C TYR B 157 -30.12 18.89 -4.34
N SER B 158 -31.12 18.49 -5.14
CA SER B 158 -32.47 18.22 -4.64
C SER B 158 -33.06 17.02 -5.36
N PRO B 159 -33.32 15.89 -4.66
CA PRO B 159 -33.04 15.64 -3.23
C PRO B 159 -31.53 15.58 -2.95
N PRO B 160 -31.08 15.94 -1.75
CA PRO B 160 -29.66 15.77 -1.43
C PRO B 160 -29.27 14.29 -1.43
N PHE B 161 -28.07 14.05 -1.93
CA PHE B 161 -27.45 12.73 -1.89
C PHE B 161 -27.34 12.23 -0.45
N ARG B 162 -27.65 10.95 -0.27
CA ARG B 162 -27.66 10.30 1.03
C ARG B 162 -26.43 9.40 1.11
N PHE B 163 -25.48 9.76 1.96
CA PHE B 163 -24.29 8.94 2.06
C PHE B 163 -23.79 9.03 3.47
N GLY B 164 -23.13 7.97 3.92
CA GLY B 164 -22.65 7.90 5.27
C GLY B 164 -21.51 6.91 5.38
N THR B 165 -20.98 6.83 6.60
CA THR B 165 -19.91 5.92 6.97
C THR B 165 -20.28 5.25 8.29
N VAL B 166 -19.40 4.39 8.77
CA VAL B 166 -19.47 3.87 10.14
C VAL B 166 -18.58 4.79 10.99
N PRO B 167 -19.12 5.44 12.00
CA PRO B 167 -18.35 6.48 12.66
C PRO B 167 -17.23 5.88 13.50
N ASN B 168 -16.37 6.80 13.95
CA ASN B 168 -15.35 6.64 15.00
C ASN B 168 -14.08 5.98 14.51
N GLY B 169 -13.97 5.62 13.22
CA GLY B 169 -12.76 5.08 12.67
C GLY B 169 -11.95 6.08 11.87
N SER B 170 -10.96 5.55 11.14
CA SER B 170 -10.07 6.40 10.37
C SER B 170 -10.77 7.07 9.20
N THR B 171 -11.77 6.41 8.62
CA THR B 171 -12.51 7.06 7.53
C THR B 171 -13.22 8.31 8.03
N GLU B 172 -13.97 8.20 9.11
CA GLU B 172 -14.64 9.39 9.61
C GLU B 172 -13.64 10.47 10.02
N ARG B 173 -12.53 10.07 10.65
CA ARG B 173 -11.51 11.02 11.04
C ARG B 173 -10.96 11.75 9.82
N ASN B 174 -10.75 11.02 8.74
CA ASN B 174 -10.22 11.66 7.55
C ASN B 174 -11.23 12.63 6.96
N ILE B 175 -12.51 12.25 6.88
CA ILE B 175 -13.50 13.16 6.31
C ILE B 175 -13.65 14.41 7.19
N ARG B 176 -13.65 14.21 8.50
CA ARG B 176 -13.76 15.35 9.43
C ARG B 176 -12.62 16.34 9.23
N ASN B 177 -11.41 15.83 9.03
CA ASN B 177 -10.25 16.70 8.88
C ASN B 177 -10.24 17.45 7.54
N ASN B 178 -10.73 16.83 6.47
CA ASN B 178 -10.56 17.45 5.14
C ASN B 178 -11.80 18.18 4.64
N TYR B 179 -13.01 17.74 5.02
CA TYR B 179 -14.26 18.23 4.41
C TYR B 179 -15.28 18.52 5.50
N PRO B 180 -15.14 19.65 6.20
CA PRO B 180 -16.03 19.86 7.37
C PRO B 180 -17.51 19.86 7.04
N TYR B 181 -17.93 20.50 5.94
CA TYR B 181 -19.34 20.52 5.61
C TYR B 181 -19.85 19.12 5.31
N MET B 182 -19.14 18.38 4.48
CA MET B 182 -19.53 17.01 4.15
C MET B 182 -19.67 16.17 5.40
N HIS B 183 -18.72 16.32 6.32
CA HIS B 183 -18.75 15.51 7.52
C HIS B 183 -19.99 15.78 8.36
N GLN B 184 -20.27 17.05 8.66
CA GLN B 184 -21.42 17.34 9.52
C GLN B 184 -22.71 16.95 8.83
N TYR B 185 -22.73 16.99 7.50
CA TYR B 185 -23.91 16.55 6.76
C TYR B 185 -24.12 15.06 6.88
N MET B 186 -23.03 14.30 6.87
CA MET B 186 -23.20 12.86 6.74
C MET B 186 -23.47 12.16 8.06
N THR B 187 -23.34 12.85 9.20
CA THR B 187 -23.55 12.16 10.46
C THR B 187 -24.99 11.71 10.62
N ARG B 188 -25.90 12.36 9.91
CA ARG B 188 -27.28 11.90 9.83
C ARG B 188 -27.38 10.49 9.27
N PHE B 189 -26.46 10.08 8.42
CA PHE B 189 -26.51 8.76 7.80
C PHE B 189 -25.49 7.81 8.41
N ASN B 190 -24.94 8.12 9.59
CA ASN B 190 -24.08 7.16 10.27
C ASN B 190 -24.75 5.79 10.30
N GLN B 191 -23.96 4.77 10.08
CA GLN B 191 -24.39 3.38 10.05
C GLN B 191 -23.73 2.64 11.20
N ARG B 192 -24.50 1.81 11.89
CA ARG B 192 -24.00 1.09 13.06
C ARG B 192 -22.87 0.15 12.67
N GLY B 193 -22.90 -0.36 11.45
CA GLY B 193 -21.84 -1.26 11.01
C GLY B 193 -21.95 -1.48 9.53
N VAL B 194 -21.02 -2.29 9.03
CA VAL B 194 -20.93 -2.47 7.59
C VAL B 194 -22.14 -3.22 7.05
N GLU B 195 -22.60 -4.27 7.73
CA GLU B 195 -23.73 -5.01 7.19
C GLU B 195 -25.02 -4.16 7.17
N ASP B 196 -25.22 -3.26 8.15
CA ASP B 196 -26.37 -2.35 8.07
C ASP B 196 -26.26 -1.49 6.83
N ALA B 197 -25.05 -1.03 6.52
CA ALA B 197 -24.87 -0.10 5.43
C ALA B 197 -25.13 -0.78 4.10
N LEU B 198 -24.70 -2.03 3.96
CA LEU B 198 -24.94 -2.74 2.70
C LEU B 198 -26.43 -2.94 2.47
N VAL B 199 -27.15 -3.42 3.49
CA VAL B 199 -28.62 -3.50 3.42
C VAL B 199 -29.23 -2.14 3.02
N SER B 200 -28.79 -1.06 3.67
CA SER B 200 -29.36 0.24 3.30
C SER B 200 -29.11 0.58 1.84
N LEU B 201 -27.94 0.20 1.28
CA LEU B 201 -27.67 0.48 -0.14
C LEU B 201 -28.59 -0.32 -1.05
N LYS B 202 -28.74 -1.62 -0.76
CA LYS B 202 -29.39 -2.54 -1.67
C LYS B 202 -30.86 -2.21 -1.82
N THR B 203 -31.43 -1.58 -0.81
CA THR B 203 -32.84 -1.24 -0.76
C THR B 203 -33.09 0.24 -1.02
N GLY B 204 -32.10 0.99 -1.49
CA GLY B 204 -32.29 2.39 -1.83
C GLY B 204 -32.51 3.34 -0.68
N LYS B 205 -32.28 2.93 0.56
CA LYS B 205 -32.34 3.88 1.66
C LYS B 205 -31.08 4.74 1.77
N LEU B 206 -29.99 4.33 1.12
CA LEU B 206 -28.73 5.05 1.10
C LEU B 206 -28.21 5.03 -0.34
N ASP B 207 -27.63 6.14 -0.80
CA ASP B 207 -27.05 6.19 -2.14
C ASP B 207 -25.57 5.80 -2.18
N ALA B 208 -24.79 6.09 -1.14
CA ALA B 208 -23.37 5.76 -1.13
C ALA B 208 -22.93 5.51 0.30
N PHE B 209 -21.97 4.61 0.43
CA PHE B 209 -21.40 4.21 1.71
C PHE B 209 -19.90 4.39 1.55
N ILE B 210 -19.31 5.23 2.40
CA ILE B 210 -17.89 5.54 2.35
C ILE B 210 -17.19 4.81 3.46
N TYR B 211 -16.16 4.02 3.12
CA TYR B 211 -15.56 3.18 4.15
C TYR B 211 -14.23 2.61 3.69
N ASP B 212 -13.57 1.93 4.62
CA ASP B 212 -12.29 1.28 4.38
C ASP B 212 -12.30 0.50 3.07
N ALA B 213 -11.29 0.76 2.24
CA ALA B 213 -11.25 0.18 0.89
C ALA B 213 -11.12 -1.34 0.90
N ALA B 214 -10.27 -1.89 1.78
CA ALA B 214 -10.07 -3.33 1.78
C ALA B 214 -11.35 -4.07 2.12
N VAL B 215 -12.10 -3.58 3.10
CA VAL B 215 -13.36 -4.24 3.43
C VAL B 215 -14.39 -4.06 2.32
N LEU B 216 -14.52 -2.85 1.74
CA LEU B 216 -15.51 -2.66 0.70
C LEU B 216 -15.20 -3.50 -0.53
N ASN B 217 -13.94 -3.63 -0.89
CA ASN B 217 -13.63 -4.36 -2.12
C ASN B 217 -13.89 -5.84 -1.92
N TYR B 218 -13.71 -6.30 -0.69
CA TYR B 218 -14.09 -7.66 -0.36
C TYR B 218 -15.60 -7.85 -0.40
N LYS B 219 -16.37 -6.89 0.17
CA LYS B 219 -17.83 -7.00 0.17
C LYS B 219 -18.38 -6.91 -1.24
N ALA B 220 -17.78 -6.07 -2.07
CA ALA B 220 -18.26 -5.98 -3.43
C ALA B 220 -18.04 -7.31 -4.16
N GLY B 221 -16.88 -7.94 -3.93
CA GLY B 221 -16.53 -9.19 -4.59
C GLY B 221 -17.41 -10.36 -4.22
N ARG B 222 -18.21 -10.26 -3.17
CA ARG B 222 -19.18 -11.32 -2.98
C ARG B 222 -20.58 -10.81 -2.69
N ASP B 223 -20.89 -9.59 -3.11
CA ASP B 223 -22.28 -9.14 -3.07
C ASP B 223 -23.15 -10.11 -3.87
N GLU B 224 -24.27 -10.53 -3.27
CA GLU B 224 -25.19 -11.42 -3.96
C GLU B 224 -25.87 -10.65 -5.09
N GLY B 225 -25.67 -11.11 -6.32
CA GLY B 225 -26.16 -10.42 -7.51
C GLY B 225 -25.15 -9.49 -8.14
N CYS B 226 -24.10 -9.12 -7.42
CA CYS B 226 -23.06 -8.23 -7.93
C CYS B 226 -23.64 -6.86 -8.28
N LYS B 227 -24.62 -6.41 -7.49
CA LYS B 227 -25.20 -5.09 -7.68
C LYS B 227 -24.49 -3.99 -6.90
N LEU B 228 -23.69 -4.32 -5.89
CA LEU B 228 -22.96 -3.28 -5.16
C LEU B 228 -21.54 -3.21 -5.70
N VAL B 229 -21.11 -2.01 -6.04
CA VAL B 229 -19.79 -1.85 -6.65
C VAL B 229 -19.09 -0.69 -5.99
N THR B 230 -17.77 -0.74 -6.01
CA THR B 230 -16.98 0.40 -5.59
C THR B 230 -16.68 1.26 -6.81
N ILE B 231 -16.72 2.57 -6.59
CA ILE B 231 -16.54 3.54 -7.67
C ILE B 231 -15.12 3.48 -8.24
N GLY B 232 -14.99 3.93 -9.49
CA GLY B 232 -13.70 3.96 -10.16
C GLY B 232 -13.04 2.61 -10.27
N SER B 233 -13.84 1.55 -10.32
CA SER B 233 -13.32 0.19 -10.42
C SER B 233 -12.33 -0.07 -9.28
N GLY B 234 -12.87 0.01 -8.07
CA GLY B 234 -12.08 -0.24 -6.87
C GLY B 234 -11.10 0.85 -6.49
N TYR B 235 -11.35 2.10 -6.91
CA TYR B 235 -10.41 3.18 -6.62
C TYR B 235 -10.28 3.42 -5.12
N ILE B 236 -9.06 3.67 -4.67
CA ILE B 236 -8.73 3.93 -3.27
C ILE B 236 -8.17 5.34 -3.11
N PHE B 237 -8.87 6.16 -2.32
CA PHE B 237 -8.41 7.50 -1.91
C PHE B 237 -7.72 7.42 -0.55
N ALA B 238 -6.80 8.36 -0.31
CA ALA B 238 -6.03 8.35 0.94
C ALA B 238 -5.39 6.99 1.20
N THR B 239 -4.62 6.53 0.21
CA THR B 239 -4.08 5.19 0.28
C THR B 239 -3.22 5.03 1.52
N THR B 240 -3.39 3.90 2.17
CA THR B 240 -2.53 3.56 3.28
C THR B 240 -2.52 2.05 3.37
N GLY B 241 -2.30 1.52 4.56
CA GLY B 241 -2.40 0.09 4.77
C GLY B 241 -2.78 -0.21 6.20
N TYR B 242 -3.15 -1.46 6.40
CA TYR B 242 -3.27 -2.02 7.73
C TYR B 242 -1.86 -2.30 8.21
N GLY B 243 -1.59 -2.01 9.47
CA GLY B 243 -0.33 -2.37 10.08
C GLY B 243 -0.56 -2.95 11.45
N ILE B 244 0.47 -3.62 11.94
CA ILE B 244 0.50 -4.06 13.33
C ILE B 244 0.96 -2.88 14.19
N ALA B 245 0.19 -2.58 15.23
CA ALA B 245 0.53 -1.50 16.12
C ALA B 245 1.32 -2.06 17.29
N LEU B 246 2.46 -1.44 17.57
CA LEU B 246 3.34 -1.78 18.70
C LEU B 246 3.54 -0.56 19.59
N GLN B 247 3.92 -0.78 20.83
CA GLN B 247 4.16 0.37 21.71
C GLN B 247 5.34 1.14 21.16
N LYS B 248 5.33 2.45 21.36
CA LYS B 248 6.48 3.27 20.99
C LYS B 248 7.77 2.67 21.51
N GLY B 249 8.77 2.58 20.63
CA GLY B 249 10.05 2.03 21.02
C GLY B 249 10.07 0.54 21.20
N SER B 250 9.03 -0.16 20.76
CA SER B 250 8.96 -1.58 21.02
C SER B 250 10.17 -2.30 20.44
N PRO B 251 10.71 -3.30 21.13
CA PRO B 251 11.80 -4.09 20.56
C PRO B 251 11.36 -5.05 19.48
N TRP B 252 10.08 -5.42 19.40
CA TRP B 252 9.61 -6.36 18.39
C TRP B 252 9.51 -5.75 17.00
N LYS B 253 9.59 -4.43 16.89
CA LYS B 253 9.21 -3.76 15.65
C LYS B 253 10.10 -4.20 14.48
N ARG B 254 11.42 -4.18 14.68
CA ARG B 254 12.31 -4.51 13.57
C ARG B 254 12.06 -5.92 13.05
N GLN B 255 11.98 -6.91 13.95
N GLN B 255 12.05 -6.91 13.96
CA GLN B 255 11.86 -8.28 13.47
CA GLN B 255 11.81 -8.30 13.60
C GLN B 255 10.47 -8.58 12.91
C GLN B 255 10.51 -8.43 12.82
N ILE B 256 9.43 -7.86 13.37
CA ILE B 256 8.11 -8.01 12.75
C ILE B 256 8.12 -7.43 11.34
N ASP B 257 8.68 -6.24 11.19
CA ASP B 257 8.81 -5.61 9.87
C ASP B 257 9.51 -6.53 8.88
N LEU B 258 10.69 -7.03 9.25
CA LEU B 258 11.46 -7.86 8.34
C LEU B 258 10.71 -9.13 8.00
N ALA B 259 10.04 -9.72 8.98
CA ALA B 259 9.25 -10.91 8.71
C ALA B 259 8.11 -10.62 7.72
N LEU B 260 7.40 -9.51 7.92
CA LEU B 260 6.32 -9.19 6.98
C LEU B 260 6.87 -9.00 5.57
N LEU B 261 8.04 -8.35 5.46
CA LEU B 261 8.61 -8.13 4.14
C LEU B 261 9.07 -9.44 3.51
N GLN B 262 9.58 -10.35 4.33
CA GLN B 262 9.94 -11.70 3.88
C GLN B 262 8.74 -12.47 3.34
N PHE B 263 7.60 -12.41 4.05
CA PHE B 263 6.38 -12.99 3.50
C PHE B 263 5.99 -12.38 2.16
N VAL B 264 6.21 -11.07 2.01
CA VAL B 264 5.95 -10.44 0.72
C VAL B 264 6.88 -11.03 -0.33
N GLY B 265 8.17 -11.09 -0.02
CA GLY B 265 9.12 -11.52 -1.03
C GLY B 265 9.04 -12.99 -1.38
N ASP B 266 8.47 -13.81 -0.51
CA ASP B 266 8.32 -15.24 -0.77
C ASP B 266 6.97 -15.60 -1.38
N GLY B 267 6.16 -14.63 -1.75
CA GLY B 267 4.86 -14.92 -2.32
C GLY B 267 3.78 -15.28 -1.32
N GLU B 268 4.10 -15.38 -0.03
CA GLU B 268 3.09 -15.82 0.92
C GLU B 268 1.97 -14.80 1.09
N MET B 269 2.29 -13.49 1.03
N MET B 269 2.28 -13.50 1.01
CA MET B 269 1.22 -12.49 1.14
CA MET B 269 1.23 -12.49 1.12
C MET B 269 0.29 -12.58 -0.06
C MET B 269 0.28 -12.60 -0.06
N GLU B 270 0.84 -12.82 -1.25
CA GLU B 270 0.00 -13.00 -2.44
C GLU B 270 -0.96 -14.15 -2.24
N GLU B 271 -0.47 -15.25 -1.71
CA GLU B 271 -1.35 -16.40 -1.57
C GLU B 271 -2.40 -16.19 -0.48
N LEU B 272 -2.06 -15.52 0.63
CA LEU B 272 -3.06 -15.26 1.65
C LEU B 272 -4.17 -14.36 1.13
N GLU B 273 -3.81 -13.35 0.31
CA GLU B 273 -4.85 -12.47 -0.26
C GLU B 273 -5.76 -13.26 -1.18
N THR B 274 -5.18 -14.16 -1.97
CA THR B 274 -5.98 -14.99 -2.86
C THR B 274 -6.89 -15.91 -2.06
N LEU B 275 -6.41 -16.40 -0.92
CA LEU B 275 -7.19 -17.36 -0.14
C LEU B 275 -8.37 -16.71 0.57
N TRP B 276 -8.24 -15.47 1.01
CA TRP B 276 -9.21 -14.88 1.93
C TRP B 276 -9.97 -13.72 1.33
N LEU B 277 -9.41 -13.08 0.30
CA LEU B 277 -9.99 -11.85 -0.22
C LEU B 277 -10.47 -11.97 -1.66
N THR B 278 -10.47 -13.17 -2.24
CA THR B 278 -11.03 -13.34 -3.58
C THR B 278 -12.57 -13.30 -3.54
N GLY B 279 -13.16 -12.65 -4.55
CA GLY B 279 -14.59 -12.70 -4.75
C GLY B 279 -14.96 -13.12 -6.17
N ILE B 280 -16.23 -13.51 -6.31
CA ILE B 280 -16.75 -13.92 -7.62
C ILE B 280 -17.04 -12.71 -8.52
N CYS B 281 -17.72 -11.68 -8.01
CA CYS B 281 -18.00 -10.50 -8.80
C CYS B 281 -16.71 -9.80 -9.22
N HIS B 282 -16.82 -8.98 -10.26
CA HIS B 282 -15.71 -8.17 -10.76
C HIS B 282 -16.17 -6.87 -11.41
#